data_1I2B
#
_entry.id   1I2B
#
_cell.length_a   159.644
_cell.length_b   159.644
_cell.length_c   99.106
_cell.angle_alpha   90.00
_cell.angle_beta   90.00
_cell.angle_gamma   90.00
#
_symmetry.space_group_name_H-M   'I 41 2 2'
#
loop_
_entity.id
_entity.type
_entity.pdbx_description
1 polymer 'SULFOLIPID BIOSYNTHESIS PROTEIN SQD1'
2 non-polymer 'SULFATE ION'
3 non-polymer NICOTINAMIDE-ADENINE-DINUCLEOTIDE
4 non-polymer "URIDINE-5'-DIPHOSPHATE-GLUCOSE"
5 non-polymer "SULFOQUINOVOSE-URIDINE-C1,5'-DIPHOSPHATE"
6 water water
#
_entity_poly.entity_id   1
_entity_poly.type   'polypeptide(L)'
_entity_poly.pdbx_seq_one_letter_code
;MRGSHHHHHHGSRVMVIGGDGYCGWATALHLSKKNYEVCIVDNLVRRLFDHQLGLESLTPIASIHDRISRWKALTGKSIE
LYVGDICDFEFLAESFKSFEPDSVVHFGEQRSAPYSMIDRSRAVYTQHNNVIGTLNVLFAIKEFGEECHLVKLGAMGEYG
TPNIDIEEGYITITHNGRTDTLPYPKQASSFYHLSKVHDSHNIAFTCKAWGIRATDLNQGVVYGVKTDETEMHEELRNRL
DYDAVFGTALNRFCVQAAVGHPLTVYGKGGQTRGYLDIRDTVQCVEIAIANPAKAGEFRVFNQFTEQFSVNELASLVTKA
GSKLGLDVKKMTVPNPRVEAEEHYYNAKHTKLMELGLEPHYLSDSLLDSLLNFAVQFKDRVDTKQIMPSVSWKKIGVKTK
SMTT
;
_entity_poly.pdbx_strand_id   A
#
loop_
_chem_comp.id
_chem_comp.type
_chem_comp.name
_chem_comp.formula
NAD non-polymer NICOTINAMIDE-ADENINE-DINUCLEOTIDE 'C21 H27 N7 O14 P2'
SO4 non-polymer 'SULFATE ION' 'O4 S -2'
UPG non-polymer URIDINE-5'-DIPHOSPHATE-GLUCOSE 'C15 H24 N2 O17 P2'
USQ non-polymer SULFOQUINOVOSE-URIDINE-C1,5'-DIPHOSPHATE 'C15 H24 N2 O19 P2 S'
#
# COMPACT_ATOMS: atom_id res chain seq x y z
CA GLY A 11 -7.88 -23.36 -8.50
C GLY A 11 -8.78 -22.16 -8.24
N SER A 12 -8.75 -21.64 -7.02
CA SER A 12 -9.56 -20.49 -6.65
C SER A 12 -9.15 -19.33 -7.56
N ARG A 13 -10.12 -18.56 -8.02
CA ARG A 13 -9.86 -17.46 -8.95
C ARG A 13 -9.77 -16.11 -8.24
N VAL A 14 -8.67 -15.40 -8.46
CA VAL A 14 -8.45 -14.11 -7.83
C VAL A 14 -8.21 -12.98 -8.82
N MET A 15 -8.98 -11.90 -8.67
CA MET A 15 -8.83 -10.73 -9.53
C MET A 15 -8.02 -9.71 -8.74
N VAL A 16 -6.83 -9.38 -9.24
CA VAL A 16 -5.97 -8.42 -8.56
C VAL A 16 -6.05 -7.06 -9.24
N ILE A 17 -6.88 -6.18 -8.68
CA ILE A 17 -7.03 -4.83 -9.21
C ILE A 17 -5.82 -4.05 -8.74
N GLY A 18 -5.12 -3.39 -9.66
CA GLY A 18 -3.93 -2.64 -9.31
C GLY A 18 -2.71 -3.55 -9.36
N GLY A 19 -2.86 -4.68 -10.04
CA GLY A 19 -1.79 -5.66 -10.15
C GLY A 19 -0.49 -5.28 -10.82
N ASP A 20 -0.39 -4.08 -11.39
CA ASP A 20 0.87 -3.67 -12.02
C ASP A 20 1.66 -2.85 -11.01
N GLY A 21 1.01 -2.52 -9.90
CA GLY A 21 1.65 -1.72 -8.86
C GLY A 21 2.64 -2.44 -7.96
N TYR A 22 3.22 -1.68 -7.04
CA TYR A 22 4.21 -2.18 -6.09
C TYR A 22 3.69 -3.38 -5.29
N CYS A 23 2.61 -3.21 -4.54
CA CYS A 23 2.06 -4.31 -3.76
C CYS A 23 1.33 -5.33 -4.65
N GLY A 24 0.60 -4.83 -5.63
CA GLY A 24 -0.17 -5.70 -6.51
C GLY A 24 0.60 -6.67 -7.38
N TRP A 25 1.70 -6.22 -7.96
CA TRP A 25 2.50 -7.09 -8.81
C TRP A 25 3.10 -8.24 -7.99
N ALA A 26 3.70 -7.90 -6.85
CA ALA A 26 4.30 -8.92 -6.00
C ALA A 26 3.22 -9.91 -5.56
N THR A 27 2.03 -9.39 -5.23
CA THR A 27 0.93 -10.24 -4.80
C THR A 27 0.42 -11.13 -5.92
N ALA A 28 0.27 -10.57 -7.12
CA ALA A 28 -0.23 -11.34 -8.25
C ALA A 28 0.67 -12.54 -8.53
N LEU A 29 1.98 -12.31 -8.56
CA LEU A 29 2.91 -13.40 -8.80
C LEU A 29 2.86 -14.45 -7.70
N HIS A 30 2.81 -14.00 -6.45
CA HIS A 30 2.75 -14.92 -5.33
C HIS A 30 1.51 -15.79 -5.38
N LEU A 31 0.35 -15.19 -5.63
CA LEU A 31 -0.88 -15.96 -5.70
C LEU A 31 -0.84 -16.96 -6.86
N SER A 32 -0.28 -16.55 -8.00
CA SER A 32 -0.19 -17.45 -9.14
C SER A 32 0.70 -18.64 -8.77
N LYS A 33 1.81 -18.36 -8.09
CA LYS A 33 2.72 -19.41 -7.69
C LYS A 33 2.01 -20.35 -6.72
N LYS A 34 1.17 -19.80 -5.85
CA LYS A 34 0.43 -20.61 -4.89
C LYS A 34 -0.76 -21.33 -5.52
N ASN A 35 -0.78 -21.33 -6.85
CA ASN A 35 -1.79 -22.02 -7.64
C ASN A 35 -3.21 -21.48 -7.72
N TYR A 36 -3.37 -20.17 -7.52
CA TYR A 36 -4.68 -19.57 -7.68
C TYR A 36 -4.69 -19.18 -9.16
N GLU A 37 -5.89 -19.07 -9.75
CA GLU A 37 -5.99 -18.62 -11.13
C GLU A 37 -6.04 -17.11 -10.92
N VAL A 38 -5.15 -16.38 -11.57
CA VAL A 38 -5.08 -14.93 -11.36
C VAL A 38 -5.21 -14.05 -12.59
N CYS A 39 -5.80 -12.88 -12.40
CA CYS A 39 -5.90 -11.91 -13.48
C CYS A 39 -5.52 -10.58 -12.87
N ILE A 40 -5.07 -9.66 -13.70
CA ILE A 40 -4.69 -8.32 -13.25
C ILE A 40 -5.57 -7.32 -13.96
N VAL A 41 -6.16 -6.40 -13.20
CA VAL A 41 -7.02 -5.35 -13.74
C VAL A 41 -6.29 -4.07 -13.37
N ASP A 42 -5.86 -3.29 -14.36
CA ASP A 42 -5.10 -2.08 -14.07
C ASP A 42 -5.13 -1.16 -15.29
N ASN A 43 -5.21 0.15 -15.06
CA ASN A 43 -5.21 1.06 -16.19
C ASN A 43 -3.82 1.64 -16.43
N LEU A 44 -2.88 1.24 -15.59
CA LEU A 44 -1.48 1.65 -15.66
C LEU A 44 -1.30 3.16 -15.49
N VAL A 45 -2.25 3.81 -14.85
CA VAL A 45 -2.15 5.25 -14.64
C VAL A 45 -0.97 5.62 -13.75
N ARG A 46 -0.56 4.68 -12.89
CA ARG A 46 0.57 4.93 -12.00
C ARG A 46 1.82 5.22 -12.84
N ARG A 47 1.95 4.53 -13.96
CA ARG A 47 3.10 4.77 -14.84
C ARG A 47 3.00 6.14 -15.49
N LEU A 48 1.78 6.58 -15.78
CA LEU A 48 1.59 7.90 -16.38
C LEU A 48 2.00 8.98 -15.37
N PHE A 49 1.70 8.76 -14.09
CA PHE A 49 2.08 9.74 -13.06
C PHE A 49 3.59 9.94 -13.03
N ASP A 50 4.35 8.87 -13.23
CA ASP A 50 5.80 8.96 -13.26
C ASP A 50 6.23 9.89 -14.39
N HIS A 51 5.66 9.68 -15.57
CA HIS A 51 5.99 10.50 -16.70
C HIS A 51 5.58 11.96 -16.47
N GLN A 52 4.36 12.16 -15.98
CA GLN A 52 3.87 13.50 -15.74
C GLN A 52 4.62 14.31 -14.68
N LEU A 53 5.07 13.65 -13.62
CA LEU A 53 5.78 14.35 -12.54
C LEU A 53 7.31 14.28 -12.66
N GLY A 54 7.80 13.53 -13.66
CA GLY A 54 9.24 13.42 -13.84
C GLY A 54 9.88 12.47 -12.83
N LEU A 55 9.14 11.43 -12.45
CA LEU A 55 9.63 10.46 -11.49
C LEU A 55 10.04 9.18 -12.18
N GLU A 56 10.82 8.36 -11.47
CA GLU A 56 11.28 7.09 -12.02
C GLU A 56 11.66 6.14 -10.89
N SER A 57 11.33 4.87 -11.07
CA SER A 57 11.65 3.83 -10.10
C SER A 57 13.17 3.67 -10.02
N LEU A 58 13.67 3.27 -8.87
CA LEU A 58 15.11 3.06 -8.68
C LEU A 58 15.58 2.05 -9.71
N THR A 59 14.86 0.93 -9.78
CA THR A 59 15.18 -0.14 -10.71
C THR A 59 14.28 -0.08 -11.92
N PRO A 60 14.83 -0.43 -13.10
CA PRO A 60 14.01 -0.41 -14.30
C PRO A 60 13.04 -1.58 -14.24
N ILE A 61 11.79 -1.36 -14.64
CA ILE A 61 10.81 -2.43 -14.63
C ILE A 61 10.35 -2.67 -16.05
N ALA A 62 9.88 -3.88 -16.31
CA ALA A 62 9.40 -4.24 -17.64
C ALA A 62 7.95 -3.81 -17.78
N SER A 63 7.44 -3.83 -19.01
CA SER A 63 6.05 -3.47 -19.26
C SER A 63 5.18 -4.55 -18.63
N ILE A 64 3.92 -4.24 -18.37
CA ILE A 64 3.05 -5.25 -17.77
C ILE A 64 2.93 -6.45 -18.70
N HIS A 65 2.93 -6.21 -20.01
CA HIS A 65 2.82 -7.33 -20.96
C HIS A 65 4.05 -8.23 -20.92
N ASP A 66 5.23 -7.62 -20.87
CA ASP A 66 6.48 -8.39 -20.82
C ASP A 66 6.62 -9.09 -19.48
N ARG A 67 6.11 -8.47 -18.42
CA ARG A 67 6.15 -9.04 -17.08
C ARG A 67 5.35 -10.35 -17.07
N ILE A 68 4.13 -10.28 -17.58
CA ILE A 68 3.25 -11.42 -17.64
C ILE A 68 3.79 -12.48 -18.59
N SER A 69 4.38 -12.04 -19.70
CA SER A 69 4.94 -12.97 -20.68
C SER A 69 6.11 -13.75 -20.07
N ARG A 70 6.93 -13.06 -19.29
CA ARG A 70 8.09 -13.69 -18.65
C ARG A 70 7.64 -14.73 -17.62
N TRP A 71 6.62 -14.41 -16.85
CA TRP A 71 6.12 -15.35 -15.86
C TRP A 71 5.63 -16.62 -16.55
N LYS A 72 4.97 -16.45 -17.70
CA LYS A 72 4.47 -17.59 -18.44
C LYS A 72 5.61 -18.42 -19.02
N ALA A 73 6.65 -17.76 -19.51
CA ALA A 73 7.80 -18.44 -20.09
C ALA A 73 8.54 -19.26 -19.03
N LEU A 74 8.64 -18.71 -17.82
CA LEU A 74 9.33 -19.39 -16.73
C LEU A 74 8.54 -20.52 -16.07
N THR A 75 7.28 -20.25 -15.76
CA THR A 75 6.44 -21.22 -15.05
C THR A 75 5.36 -21.91 -15.86
N GLY A 76 5.00 -21.33 -17.00
CA GLY A 76 3.95 -21.90 -17.82
C GLY A 76 2.57 -21.39 -17.40
N LYS A 77 2.54 -20.63 -16.31
CA LYS A 77 1.27 -20.09 -15.81
C LYS A 77 0.90 -18.78 -16.48
N SER A 78 -0.38 -18.63 -16.82
CA SER A 78 -0.87 -17.43 -17.48
C SER A 78 -1.70 -16.53 -16.58
N ILE A 79 -1.24 -15.30 -16.39
CA ILE A 79 -1.99 -14.32 -15.59
C ILE A 79 -2.77 -13.50 -16.62
N GLU A 80 -4.10 -13.57 -16.56
CA GLU A 80 -4.93 -12.83 -17.52
C GLU A 80 -4.80 -11.33 -17.24
N LEU A 81 -4.91 -10.53 -18.29
CA LEU A 81 -4.78 -9.08 -18.15
C LEU A 81 -5.96 -8.33 -18.75
N TYR A 82 -6.50 -7.39 -17.97
CA TYR A 82 -7.61 -6.55 -18.41
C TYR A 82 -7.13 -5.12 -18.14
N VAL A 83 -6.89 -4.37 -19.20
CA VAL A 83 -6.41 -3.00 -19.07
C VAL A 83 -7.55 -2.00 -19.17
N GLY A 84 -7.83 -1.32 -18.06
CA GLY A 84 -8.91 -0.36 -18.04
C GLY A 84 -9.06 0.28 -16.67
N ASP A 85 -9.90 1.31 -16.63
CA ASP A 85 -10.17 2.09 -15.42
C ASP A 85 -11.40 1.50 -14.74
N ILE A 86 -11.28 1.10 -13.47
CA ILE A 86 -12.42 0.52 -12.79
C ILE A 86 -13.54 1.54 -12.54
N CYS A 87 -13.26 2.82 -12.79
CA CYS A 87 -14.29 3.84 -12.63
C CYS A 87 -15.22 3.77 -13.85
N ASP A 88 -14.79 3.01 -14.85
CA ASP A 88 -15.57 2.78 -16.08
C ASP A 88 -16.27 1.46 -15.79
N PHE A 89 -17.51 1.53 -15.33
CA PHE A 89 -18.22 0.30 -14.98
C PHE A 89 -18.39 -0.70 -16.11
N GLU A 90 -18.58 -0.22 -17.33
CA GLU A 90 -18.73 -1.12 -18.48
C GLU A 90 -17.50 -2.02 -18.54
N PHE A 91 -16.32 -1.43 -18.42
CA PHE A 91 -15.08 -2.20 -18.45
C PHE A 91 -14.96 -3.15 -17.27
N LEU A 92 -15.26 -2.64 -16.07
CA LEU A 92 -15.17 -3.49 -14.88
C LEU A 92 -16.14 -4.66 -14.94
N ALA A 93 -17.37 -4.38 -15.37
CA ALA A 93 -18.39 -5.42 -15.47
C ALA A 93 -17.97 -6.50 -16.46
N GLU A 94 -17.47 -6.09 -17.62
CA GLU A 94 -17.03 -7.05 -18.62
C GLU A 94 -15.88 -7.90 -18.09
N SER A 95 -14.95 -7.26 -17.38
CA SER A 95 -13.82 -7.99 -16.83
C SER A 95 -14.27 -8.99 -15.77
N PHE A 96 -15.23 -8.58 -14.94
CA PHE A 96 -15.75 -9.44 -13.89
C PHE A 96 -16.48 -10.64 -14.49
N LYS A 97 -17.31 -10.39 -15.48
CA LYS A 97 -18.07 -11.47 -16.11
C LYS A 97 -17.18 -12.41 -16.91
N SER A 98 -16.09 -11.87 -17.44
CA SER A 98 -15.16 -12.68 -18.21
C SER A 98 -14.32 -13.58 -17.32
N PHE A 99 -13.81 -13.03 -16.22
CA PHE A 99 -12.97 -13.78 -15.31
C PHE A 99 -13.68 -14.59 -14.22
N GLU A 100 -14.82 -14.09 -13.75
CA GLU A 100 -15.60 -14.76 -12.68
C GLU A 100 -14.74 -15.05 -11.45
N PRO A 101 -14.27 -13.99 -10.77
CA PRO A 101 -13.43 -14.14 -9.58
C PRO A 101 -14.15 -14.67 -8.34
N ASP A 102 -13.41 -15.41 -7.52
CA ASP A 102 -13.95 -15.94 -6.27
C ASP A 102 -13.54 -14.95 -5.19
N SER A 103 -12.45 -14.24 -5.47
CA SER A 103 -11.92 -13.23 -4.57
C SER A 103 -11.42 -12.06 -5.41
N VAL A 104 -11.53 -10.85 -4.85
CA VAL A 104 -11.04 -9.66 -5.51
C VAL A 104 -10.12 -8.96 -4.52
N VAL A 105 -8.89 -8.68 -4.92
CA VAL A 105 -7.98 -7.95 -4.04
C VAL A 105 -7.88 -6.57 -4.69
N HIS A 106 -8.31 -5.55 -3.96
CA HIS A 106 -8.32 -4.19 -4.48
C HIS A 106 -7.16 -3.31 -4.07
N PHE A 107 -6.15 -3.21 -4.95
CA PHE A 107 -4.96 -2.37 -4.73
C PHE A 107 -5.06 -1.17 -5.70
N GLY A 108 -6.09 -1.17 -6.53
CA GLY A 108 -6.23 -0.14 -7.56
C GLY A 108 -6.67 1.26 -7.20
N GLU A 109 -5.88 1.95 -6.37
CA GLU A 109 -6.22 3.31 -5.98
C GLU A 109 -5.00 4.21 -5.96
N GLN A 110 -5.25 5.52 -5.97
CA GLN A 110 -4.18 6.51 -5.91
C GLN A 110 -3.78 6.43 -4.44
N ARG A 111 -2.56 5.95 -4.16
CA ARG A 111 -2.13 5.74 -2.78
C ARG A 111 -1.17 6.71 -2.13
N SER A 112 -0.74 7.73 -2.85
CA SER A 112 0.21 8.70 -2.31
C SER A 112 -0.43 9.85 -1.55
N ALA A 113 0.03 10.09 -0.33
CA ALA A 113 -0.50 11.20 0.46
C ALA A 113 -0.04 12.50 -0.18
N PRO A 114 1.26 12.62 -0.50
CA PRO A 114 1.73 13.86 -1.14
C PRO A 114 1.00 14.16 -2.44
N TYR A 115 0.79 13.14 -3.27
CA TYR A 115 0.11 13.35 -4.54
C TYR A 115 -1.28 13.94 -4.30
N SER A 116 -1.97 13.45 -3.28
CA SER A 116 -3.32 13.91 -2.97
C SER A 116 -3.34 15.34 -2.45
N MET A 117 -2.17 15.87 -2.11
CA MET A 117 -2.06 17.23 -1.59
C MET A 117 -1.41 18.22 -2.56
N ILE A 118 -1.12 17.78 -3.78
CA ILE A 118 -0.47 18.65 -4.76
C ILE A 118 -1.29 19.89 -5.10
N ASP A 119 -2.55 19.69 -5.46
CA ASP A 119 -3.45 20.79 -5.78
C ASP A 119 -4.89 20.30 -5.71
N ARG A 120 -5.85 21.18 -6.00
CA ARG A 120 -7.25 20.78 -5.93
C ARG A 120 -7.56 19.63 -6.89
N SER A 121 -7.09 19.75 -8.13
CA SER A 121 -7.37 18.73 -9.13
C SER A 121 -6.90 17.34 -8.70
N ARG A 122 -5.74 17.28 -8.06
CA ARG A 122 -5.24 15.98 -7.62
C ARG A 122 -5.92 15.45 -6.37
N ALA A 123 -6.44 16.35 -5.53
CA ALA A 123 -7.16 15.93 -4.33
C ALA A 123 -8.50 15.37 -4.77
N VAL A 124 -9.13 16.06 -5.72
CA VAL A 124 -10.42 15.64 -6.26
C VAL A 124 -10.25 14.33 -7.04
N TYR A 125 -9.20 14.22 -7.84
CA TYR A 125 -8.96 13.00 -8.58
C TYR A 125 -8.79 11.84 -7.62
N THR A 126 -8.00 12.06 -6.56
CA THR A 126 -7.75 11.02 -5.58
C THR A 126 -9.05 10.49 -4.96
N GLN A 127 -9.89 11.40 -4.47
CA GLN A 127 -11.13 10.95 -3.85
C GLN A 127 -12.12 10.37 -4.84
N HIS A 128 -12.25 10.96 -6.02
CA HIS A 128 -13.17 10.43 -7.01
C HIS A 128 -12.71 9.04 -7.47
N ASN A 129 -11.47 8.96 -7.93
CA ASN A 129 -10.93 7.68 -8.39
C ASN A 129 -11.07 6.56 -7.36
N ASN A 130 -10.64 6.85 -6.13
CA ASN A 130 -10.68 5.85 -5.07
C ASN A 130 -12.08 5.50 -4.60
N VAL A 131 -12.87 6.50 -4.24
CA VAL A 131 -14.22 6.24 -3.74
C VAL A 131 -15.17 5.65 -4.78
N ILE A 132 -15.21 6.24 -5.98
CA ILE A 132 -16.10 5.73 -7.02
C ILE A 132 -15.63 4.37 -7.54
N GLY A 133 -14.31 4.21 -7.68
CA GLY A 133 -13.80 2.93 -8.15
C GLY A 133 -14.20 1.81 -7.21
N THR A 134 -14.07 2.06 -5.91
CA THR A 134 -14.41 1.07 -4.91
C THR A 134 -15.92 0.79 -4.90
N LEU A 135 -16.72 1.83 -5.11
CA LEU A 135 -18.17 1.63 -5.17
C LEU A 135 -18.49 0.71 -6.35
N ASN A 136 -17.85 0.95 -7.50
CA ASN A 136 -18.08 0.11 -8.68
C ASN A 136 -17.73 -1.34 -8.39
N VAL A 137 -16.65 -1.56 -7.64
CA VAL A 137 -16.24 -2.91 -7.30
C VAL A 137 -17.33 -3.59 -6.47
N LEU A 138 -17.86 -2.86 -5.49
CA LEU A 138 -18.91 -3.40 -4.65
C LEU A 138 -20.16 -3.76 -5.46
N PHE A 139 -20.53 -2.90 -6.41
CA PHE A 139 -21.70 -3.18 -7.23
C PHE A 139 -21.46 -4.35 -8.19
N ALA A 140 -20.23 -4.49 -8.68
CA ALA A 140 -19.91 -5.58 -9.58
C ALA A 140 -20.03 -6.91 -8.82
N ILE A 141 -19.51 -6.94 -7.60
CA ILE A 141 -19.58 -8.13 -6.77
C ILE A 141 -21.04 -8.48 -6.50
N LYS A 142 -21.82 -7.48 -6.10
CA LYS A 142 -23.23 -7.70 -5.80
C LYS A 142 -24.01 -8.23 -7.00
N GLU A 143 -23.77 -7.64 -8.17
CA GLU A 143 -24.49 -8.01 -9.39
C GLU A 143 -24.00 -9.25 -10.13
N PHE A 144 -22.69 -9.48 -10.16
CA PHE A 144 -22.15 -10.62 -10.91
C PHE A 144 -21.58 -11.78 -10.11
N GLY A 145 -21.32 -11.58 -8.83
CA GLY A 145 -20.77 -12.66 -8.02
C GLY A 145 -20.86 -12.30 -6.55
N GLU A 146 -22.08 -12.28 -6.03
CA GLU A 146 -22.34 -11.91 -4.64
C GLU A 146 -21.52 -12.64 -3.57
N GLU A 147 -21.06 -13.86 -3.87
CA GLU A 147 -20.29 -14.63 -2.89
C GLU A 147 -18.80 -14.30 -2.95
N CYS A 148 -18.43 -13.47 -3.92
CA CYS A 148 -17.04 -13.07 -4.10
C CYS A 148 -16.52 -12.29 -2.89
N HIS A 149 -15.38 -12.72 -2.36
CA HIS A 149 -14.78 -12.09 -1.19
C HIS A 149 -13.92 -10.89 -1.59
N LEU A 150 -14.22 -9.73 -1.02
CA LEU A 150 -13.45 -8.53 -1.31
C LEU A 150 -12.35 -8.35 -0.27
N VAL A 151 -11.10 -8.37 -0.74
CA VAL A 151 -9.96 -8.14 0.13
C VAL A 151 -9.51 -6.74 -0.26
N LYS A 152 -9.84 -5.78 0.59
CA LYS A 152 -9.55 -4.37 0.35
C LYS A 152 -8.33 -3.84 1.08
N LEU A 153 -7.54 -3.04 0.38
CA LEU A 153 -6.37 -2.44 1.01
C LEU A 153 -6.83 -1.10 1.59
N GLY A 154 -6.86 -1.05 2.92
CA GLY A 154 -7.25 0.17 3.61
C GLY A 154 -5.97 0.90 3.96
N ALA A 155 -5.83 1.31 5.23
CA ALA A 155 -4.63 2.01 5.66
C ALA A 155 -4.63 2.25 7.18
N MET A 156 -3.49 2.03 7.81
CA MET A 156 -3.37 2.27 9.24
C MET A 156 -3.62 3.76 9.49
N GLY A 157 -3.34 4.57 8.47
CA GLY A 157 -3.54 6.01 8.57
C GLY A 157 -4.98 6.42 8.82
N GLU A 158 -5.91 5.50 8.61
CA GLU A 158 -7.32 5.82 8.85
C GLU A 158 -7.56 6.19 10.32
N TYR A 159 -6.80 5.57 11.21
CA TYR A 159 -6.94 5.80 12.65
C TYR A 159 -6.31 7.07 13.18
N GLY A 160 -5.35 7.63 12.45
CA GLY A 160 -4.69 8.83 12.94
C GLY A 160 -3.82 8.45 14.13
N THR A 161 -3.57 9.41 15.03
CA THR A 161 -2.74 9.15 16.20
C THR A 161 -3.41 9.58 17.50
N PRO A 162 -4.46 8.85 17.92
CA PRO A 162 -5.20 9.14 19.15
C PRO A 162 -4.37 8.85 20.41
N ASN A 163 -4.84 9.35 21.55
CA ASN A 163 -4.14 9.14 22.80
C ASN A 163 -4.48 7.81 23.47
N ILE A 164 -5.15 6.93 22.73
CA ILE A 164 -5.52 5.61 23.24
C ILE A 164 -5.05 4.54 22.27
N ASP A 165 -5.07 3.29 22.71
CA ASP A 165 -4.66 2.19 21.87
C ASP A 165 -5.52 2.11 20.62
N ILE A 166 -4.91 1.77 19.50
CA ILE A 166 -5.61 1.63 18.24
C ILE A 166 -6.00 0.15 18.12
N GLU A 167 -7.27 -0.13 17.92
CA GLU A 167 -7.75 -1.50 17.79
C GLU A 167 -7.87 -1.90 16.33
N GLU A 168 -8.20 -3.17 16.08
CA GLU A 168 -8.34 -3.64 14.72
C GLU A 168 -9.75 -3.41 14.17
N GLY A 169 -10.03 -2.16 13.83
CA GLY A 169 -11.31 -1.78 13.27
C GLY A 169 -12.47 -1.47 14.19
N TYR A 170 -12.53 -2.12 15.34
CA TYR A 170 -13.65 -1.92 16.26
C TYR A 170 -13.22 -1.67 17.69
N ILE A 171 -14.06 -0.97 18.44
CA ILE A 171 -13.77 -0.68 19.84
C ILE A 171 -15.03 -0.79 20.70
N THR A 172 -14.92 -1.54 21.79
CA THR A 172 -16.03 -1.71 22.70
C THR A 172 -15.93 -0.58 23.72
N ILE A 173 -16.97 0.24 23.79
CA ILE A 173 -16.99 1.39 24.70
CA ILE A 173 -16.95 1.34 24.75
C ILE A 173 -18.18 1.36 25.64
N THR A 174 -18.00 1.87 26.85
CA THR A 174 -19.06 1.97 27.83
C THR A 174 -19.24 3.47 27.98
N HIS A 175 -20.43 3.95 27.60
CA HIS A 175 -20.72 5.37 27.67
C HIS A 175 -22.04 5.59 28.39
N ASN A 176 -22.01 6.45 29.40
CA ASN A 176 -23.19 6.75 30.20
C ASN A 176 -23.97 5.51 30.65
N GLY A 177 -23.24 4.52 31.16
CA GLY A 177 -23.86 3.31 31.65
C GLY A 177 -24.30 2.25 30.66
N ARG A 178 -24.01 2.46 29.37
CA ARG A 178 -24.38 1.49 28.35
C ARG A 178 -23.13 1.08 27.57
N THR A 179 -23.14 -0.14 27.04
CA THR A 179 -21.99 -0.64 26.29
C THR A 179 -22.36 -1.01 24.86
N ASP A 180 -21.39 -0.88 23.96
CA ASP A 180 -21.60 -1.23 22.56
C ASP A 180 -20.25 -1.32 21.88
N THR A 181 -20.18 -2.06 20.78
CA THR A 181 -18.95 -2.19 20.02
C THR A 181 -19.18 -1.38 18.76
N LEU A 182 -18.40 -0.33 18.58
CA LEU A 182 -18.55 0.55 17.43
C LEU A 182 -17.33 0.62 16.54
N PRO A 183 -17.48 1.20 15.34
CA PRO A 183 -16.35 1.33 14.41
C PRO A 183 -15.35 2.27 15.10
N TYR A 184 -14.06 1.97 14.99
CA TYR A 184 -13.05 2.80 15.62
C TYR A 184 -13.04 4.19 14.98
N PRO A 185 -13.04 5.25 15.80
CA PRO A 185 -13.03 6.62 15.29
C PRO A 185 -11.90 6.85 14.29
N LYS A 186 -12.23 7.47 13.15
CA LYS A 186 -11.23 7.71 12.12
C LYS A 186 -10.76 9.16 12.09
N GLN A 187 -9.45 9.35 11.89
CA GLN A 187 -8.84 10.68 11.84
C GLN A 187 -7.71 10.72 10.81
N ALA A 188 -8.07 10.78 9.53
CA ALA A 188 -7.07 10.80 8.44
C ALA A 188 -6.37 12.14 8.29
N SER A 189 -5.11 12.11 7.88
CA SER A 189 -4.33 13.34 7.73
C SER A 189 -3.91 13.75 6.31
N SER A 190 -4.68 13.33 5.32
CA SER A 190 -4.43 13.71 3.92
C SER A 190 -5.67 13.34 3.11
N PHE A 191 -5.83 13.93 1.94
CA PHE A 191 -7.00 13.60 1.13
C PHE A 191 -6.95 12.15 0.69
N TYR A 192 -5.74 11.60 0.58
CA TYR A 192 -5.61 10.19 0.23
C TYR A 192 -6.10 9.33 1.39
N HIS A 193 -5.56 9.56 2.59
CA HIS A 193 -5.96 8.78 3.74
C HIS A 193 -7.46 8.91 3.98
N LEU A 194 -7.99 10.10 3.71
CA LEU A 194 -9.42 10.32 3.89
C LEU A 194 -10.21 9.43 2.94
N SER A 195 -9.75 9.30 1.70
CA SER A 195 -10.46 8.47 0.72
C SER A 195 -10.56 7.01 1.20
N LYS A 196 -9.56 6.55 1.94
CA LYS A 196 -9.60 5.18 2.45
C LYS A 196 -10.65 5.07 3.55
N VAL A 197 -10.75 6.12 4.37
CA VAL A 197 -11.76 6.14 5.43
C VAL A 197 -13.13 6.04 4.75
N HIS A 198 -13.33 6.80 3.68
CA HIS A 198 -14.61 6.78 2.97
C HIS A 198 -14.86 5.36 2.43
N ASP A 199 -13.85 4.77 1.82
CA ASP A 199 -13.94 3.41 1.27
C ASP A 199 -14.43 2.42 2.34
N SER A 200 -13.74 2.43 3.48
CA SER A 200 -14.07 1.53 4.57
C SER A 200 -15.50 1.69 5.06
N HIS A 201 -15.95 2.93 5.18
CA HIS A 201 -17.32 3.17 5.61
C HIS A 201 -18.29 2.64 4.57
N ASN A 202 -18.01 2.88 3.29
CA ASN A 202 -18.87 2.40 2.22
C ASN A 202 -18.97 0.87 2.22
N ILE A 203 -17.82 0.21 2.32
CA ILE A 203 -17.80 -1.25 2.31
C ILE A 203 -18.56 -1.84 3.49
N ALA A 204 -18.34 -1.30 4.68
CA ALA A 204 -19.02 -1.78 5.88
C ALA A 204 -20.53 -1.75 5.69
N PHE A 205 -21.02 -0.69 5.06
CA PHE A 205 -22.44 -0.55 4.81
C PHE A 205 -22.96 -1.67 3.91
N THR A 206 -22.25 -1.95 2.80
CA THR A 206 -22.69 -2.98 1.88
C THR A 206 -22.64 -4.38 2.48
N CYS A 207 -21.77 -4.59 3.46
CA CYS A 207 -21.70 -5.90 4.11
C CYS A 207 -23.01 -6.13 4.86
N LYS A 208 -23.48 -5.10 5.55
CA LYS A 208 -24.72 -5.19 6.32
C LYS A 208 -25.97 -5.18 5.43
N ALA A 209 -25.99 -4.31 4.44
CA ALA A 209 -27.15 -4.19 3.56
C ALA A 209 -27.30 -5.26 2.48
N TRP A 210 -26.18 -5.72 1.93
CA TRP A 210 -26.23 -6.71 0.86
C TRP A 210 -25.68 -8.09 1.18
N GLY A 211 -25.03 -8.24 2.32
CA GLY A 211 -24.46 -9.54 2.66
C GLY A 211 -23.08 -9.74 2.06
N ILE A 212 -22.47 -8.65 1.61
CA ILE A 212 -21.13 -8.71 1.03
C ILE A 212 -20.17 -9.22 2.10
N ARG A 213 -19.15 -9.96 1.68
CA ARG A 213 -18.14 -10.43 2.62
C ARG A 213 -16.86 -9.70 2.24
N ALA A 214 -16.25 -9.04 3.22
CA ALA A 214 -15.05 -8.27 2.94
C ALA A 214 -14.08 -8.23 4.10
N THR A 215 -12.80 -8.02 3.76
CA THR A 215 -11.75 -7.92 4.73
C THR A 215 -10.99 -6.64 4.42
N ASP A 216 -10.98 -5.71 5.37
CA ASP A 216 -10.28 -4.45 5.19
C ASP A 216 -8.88 -4.64 5.78
N LEU A 217 -7.87 -4.56 4.93
CA LEU A 217 -6.50 -4.71 5.41
C LEU A 217 -5.91 -3.32 5.63
N ASN A 218 -5.92 -2.86 6.87
CA ASN A 218 -5.35 -1.55 7.18
C ASN A 218 -3.86 -1.76 7.34
N GLN A 219 -3.18 -1.69 6.20
CA GLN A 219 -1.75 -1.91 6.12
C GLN A 219 -0.89 -0.73 6.53
N GLY A 220 0.26 -1.04 7.13
CA GLY A 220 1.20 -0.01 7.54
C GLY A 220 2.12 0.25 6.35
N VAL A 221 3.21 0.97 6.59
CA VAL A 221 4.15 1.29 5.52
C VAL A 221 4.95 0.06 5.09
N VAL A 222 4.95 -0.21 3.79
CA VAL A 222 5.68 -1.35 3.24
C VAL A 222 7.11 -0.99 2.88
N TYR A 223 8.03 -1.92 3.08
CA TYR A 223 9.43 -1.69 2.75
C TYR A 223 9.99 -2.92 2.03
N GLY A 224 11.04 -2.72 1.26
CA GLY A 224 11.65 -3.82 0.52
C GLY A 224 11.27 -3.82 -0.95
N VAL A 225 12.02 -4.57 -1.74
CA VAL A 225 11.74 -4.66 -3.17
C VAL A 225 11.72 -6.11 -3.65
N LYS A 226 12.35 -7.00 -2.90
CA LYS A 226 12.42 -8.40 -3.29
C LYS A 226 11.40 -9.35 -2.65
N THR A 227 10.92 -10.28 -3.48
CA THR A 227 10.02 -11.35 -3.06
C THR A 227 10.52 -12.54 -3.87
N ASP A 228 10.25 -13.75 -3.40
CA ASP A 228 10.72 -14.94 -4.10
C ASP A 228 10.39 -14.93 -5.59
N GLU A 229 9.16 -14.57 -5.94
CA GLU A 229 8.74 -14.55 -7.33
C GLU A 229 9.37 -13.46 -8.20
N THR A 230 9.40 -12.22 -7.72
CA THR A 230 9.94 -11.14 -8.52
C THR A 230 11.45 -11.24 -8.78
N GLU A 231 12.14 -12.02 -7.97
CA GLU A 231 13.59 -12.18 -8.14
C GLU A 231 13.97 -13.30 -9.11
N MET A 232 12.98 -14.01 -9.63
CA MET A 232 13.24 -15.11 -10.55
C MET A 232 13.78 -14.70 -11.92
N HIS A 233 13.59 -13.43 -12.28
CA HIS A 233 14.08 -12.91 -13.57
C HIS A 233 14.00 -11.39 -13.55
N GLU A 234 14.94 -10.73 -14.21
CA GLU A 234 14.97 -9.27 -14.22
C GLU A 234 13.66 -8.62 -14.68
N GLU A 235 12.98 -9.25 -15.63
CA GLU A 235 11.72 -8.66 -16.12
C GLU A 235 10.57 -8.77 -15.13
N LEU A 236 10.78 -9.53 -14.06
CA LEU A 236 9.74 -9.68 -13.03
C LEU A 236 10.00 -8.72 -11.88
N ARG A 237 11.13 -8.01 -11.94
CA ARG A 237 11.51 -7.08 -10.89
C ARG A 237 10.41 -6.07 -10.54
N ASN A 238 10.25 -5.83 -9.25
CA ASN A 238 9.25 -4.89 -8.78
C ASN A 238 9.82 -3.49 -8.79
N ARG A 239 8.97 -2.48 -8.63
CA ARG A 239 9.41 -1.10 -8.61
C ARG A 239 9.86 -0.73 -7.19
N LEU A 240 10.78 0.23 -7.10
CA LEU A 240 11.24 0.69 -5.79
C LEU A 240 11.26 2.21 -5.89
N ASP A 241 10.28 2.85 -5.27
CA ASP A 241 10.15 4.30 -5.31
C ASP A 241 10.94 5.00 -4.22
N TYR A 242 11.60 6.09 -4.58
CA TYR A 242 12.41 6.84 -3.61
C TYR A 242 12.14 8.35 -3.66
N ASP A 243 11.36 8.80 -4.63
CA ASP A 243 11.06 10.22 -4.76
C ASP A 243 10.18 10.64 -3.58
N ALA A 244 10.06 11.95 -3.36
CA ALA A 244 9.28 12.47 -2.24
C ALA A 244 7.75 12.40 -2.39
N VAL A 245 7.29 11.99 -3.57
CA VAL A 245 5.85 11.89 -3.80
C VAL A 245 5.32 10.48 -3.52
N PHE A 246 5.92 9.49 -4.18
CA PHE A 246 5.50 8.10 -4.01
C PHE A 246 6.41 7.27 -3.11
N GLY A 247 7.62 7.75 -2.87
CA GLY A 247 8.51 7.01 -2.00
C GLY A 247 8.02 7.08 -0.57
N THR A 248 8.33 6.06 0.22
CA THR A 248 7.93 6.03 1.63
C THR A 248 9.19 6.01 2.51
N ALA A 249 9.00 6.29 3.79
CA ALA A 249 10.08 6.39 4.77
C ALA A 249 11.33 5.50 4.71
N LEU A 250 11.18 4.21 5.00
CA LEU A 250 12.33 3.32 5.01
C LEU A 250 12.99 3.14 3.65
N ASN A 251 12.20 2.88 2.60
CA ASN A 251 12.79 2.73 1.27
C ASN A 251 13.53 4.00 0.89
N ARG A 252 12.94 5.15 1.20
CA ARG A 252 13.58 6.42 0.88
C ARG A 252 14.92 6.59 1.59
N PHE A 253 14.94 6.26 2.88
CA PHE A 253 16.17 6.38 3.66
C PHE A 253 17.29 5.48 3.13
N CYS A 254 16.94 4.26 2.74
CA CYS A 254 17.95 3.34 2.21
C CYS A 254 18.57 3.88 0.93
N VAL A 255 17.74 4.46 0.06
CA VAL A 255 18.25 5.01 -1.19
C VAL A 255 19.09 6.25 -0.91
N GLN A 256 18.66 7.05 0.05
CA GLN A 256 19.39 8.27 0.43
C GLN A 256 20.77 7.89 0.96
N ALA A 257 20.80 6.88 1.83
CA ALA A 257 22.05 6.42 2.41
C ALA A 257 23.00 5.95 1.33
N ALA A 258 22.49 5.22 0.35
CA ALA A 258 23.30 4.70 -0.73
C ALA A 258 23.91 5.78 -1.63
N VAL A 259 23.18 6.87 -1.85
CA VAL A 259 23.69 7.94 -2.70
C VAL A 259 24.43 9.05 -1.94
N GLY A 260 24.53 8.90 -0.62
CA GLY A 260 25.23 9.89 0.18
C GLY A 260 24.42 11.12 0.53
N HIS A 261 23.09 11.00 0.49
CA HIS A 261 22.22 12.11 0.83
C HIS A 261 21.80 11.94 2.29
N PRO A 262 21.84 13.04 3.08
CA PRO A 262 21.45 12.93 4.49
C PRO A 262 20.01 12.43 4.58
N LEU A 263 19.73 11.59 5.57
CA LEU A 263 18.38 11.05 5.76
C LEU A 263 17.41 12.18 6.04
N THR A 264 16.33 12.25 5.27
CA THR A 264 15.35 13.31 5.40
C THR A 264 14.31 13.09 6.49
N VAL A 265 14.62 13.54 7.70
CA VAL A 265 13.72 13.42 8.84
C VAL A 265 12.79 14.63 8.82
N TYR A 266 11.49 14.38 8.68
CA TYR A 266 10.52 15.47 8.66
C TYR A 266 10.18 15.90 10.08
N GLY A 267 10.42 17.17 10.39
CA GLY A 267 10.13 17.66 11.72
C GLY A 267 10.94 16.94 12.78
N LYS A 268 10.35 16.78 13.96
CA LYS A 268 11.03 16.12 15.08
C LYS A 268 11.42 14.68 14.82
N GLY A 269 10.66 13.99 13.97
CA GLY A 269 10.96 12.60 13.67
C GLY A 269 10.35 11.59 14.61
N GLY A 270 9.47 12.05 15.49
CA GLY A 270 8.83 11.14 16.43
C GLY A 270 7.63 10.43 15.83
N GLN A 271 7.29 10.78 14.58
CA GLN A 271 6.15 10.14 13.92
C GLN A 271 6.34 8.63 13.96
N THR A 272 5.39 7.94 14.56
CA THR A 272 5.45 6.50 14.70
C THR A 272 4.37 5.80 13.89
N ARG A 273 4.77 4.74 13.19
CA ARG A 273 3.85 4.00 12.34
C ARG A 273 4.18 2.51 12.35
N GLY A 274 3.25 1.72 11.81
CA GLY A 274 3.49 0.29 11.71
C GLY A 274 4.14 0.06 10.37
N TYR A 275 5.06 -0.92 10.31
CA TYR A 275 5.76 -1.24 9.06
C TYR A 275 5.74 -2.75 8.82
N LEU A 276 5.98 -3.14 7.57
CA LEU A 276 6.05 -4.56 7.22
C LEU A 276 6.79 -4.75 5.90
N ASP A 277 7.47 -5.89 5.80
CA ASP A 277 8.24 -6.26 4.62
C ASP A 277 7.24 -6.60 3.51
N ILE A 278 7.57 -6.24 2.28
CA ILE A 278 6.68 -6.53 1.15
C ILE A 278 6.41 -8.03 1.08
N ARG A 279 7.33 -8.83 1.61
CA ARG A 279 7.16 -10.28 1.60
C ARG A 279 5.99 -10.67 2.51
N ASP A 280 5.74 -9.86 3.54
CA ASP A 280 4.64 -10.13 4.44
C ASP A 280 3.34 -9.58 3.87
N THR A 281 3.44 -8.60 2.98
CA THR A 281 2.27 -8.04 2.33
C THR A 281 1.60 -9.16 1.54
N VAL A 282 2.38 -9.83 0.70
CA VAL A 282 1.84 -10.91 -0.12
C VAL A 282 1.35 -12.09 0.73
N GLN A 283 2.04 -12.36 1.83
CA GLN A 283 1.64 -13.46 2.70
C GLN A 283 0.30 -13.13 3.37
N CYS A 284 0.17 -11.92 3.89
CA CYS A 284 -1.05 -11.50 4.55
C CYS A 284 -2.25 -11.51 3.61
N VAL A 285 -2.06 -11.09 2.38
CA VAL A 285 -3.16 -11.09 1.42
C VAL A 285 -3.58 -12.53 1.15
N GLU A 286 -2.62 -13.42 0.98
CA GLU A 286 -2.96 -14.82 0.70
C GLU A 286 -3.72 -15.44 1.87
N ILE A 287 -3.33 -15.08 3.10
CA ILE A 287 -3.98 -15.59 4.29
C ILE A 287 -5.43 -15.09 4.34
N ALA A 288 -5.63 -13.83 3.97
CA ALA A 288 -6.96 -13.25 3.97
C ALA A 288 -7.84 -13.95 2.93
N ILE A 289 -7.24 -14.35 1.82
CA ILE A 289 -7.97 -15.03 0.75
C ILE A 289 -8.28 -16.48 1.13
N ALA A 290 -7.29 -17.17 1.70
CA ALA A 290 -7.45 -18.56 2.11
C ALA A 290 -8.42 -18.75 3.29
N ASN A 291 -8.57 -17.72 4.11
CA ASN A 291 -9.47 -17.76 5.26
C ASN A 291 -10.42 -16.57 5.09
N PRO A 292 -11.39 -16.68 4.17
CA PRO A 292 -12.36 -15.62 3.87
C PRO A 292 -13.34 -15.19 4.96
N ALA A 293 -13.84 -13.97 4.81
CA ALA A 293 -14.81 -13.42 5.72
C ALA A 293 -16.12 -14.12 5.40
N LYS A 294 -17.02 -14.19 6.38
CA LYS A 294 -18.31 -14.82 6.20
C LYS A 294 -19.28 -13.83 5.57
N ALA A 295 -20.39 -14.34 5.02
CA ALA A 295 -21.39 -13.48 4.41
C ALA A 295 -21.82 -12.39 5.39
N GLY A 296 -21.86 -11.15 4.90
CA GLY A 296 -22.28 -10.03 5.73
C GLY A 296 -21.26 -9.58 6.75
N GLU A 297 -20.07 -10.17 6.75
CA GLU A 297 -19.04 -9.81 7.70
C GLU A 297 -18.02 -8.83 7.13
N PHE A 298 -17.72 -7.79 7.90
CA PHE A 298 -16.72 -6.80 7.50
C PHE A 298 -15.55 -6.98 8.46
N ARG A 299 -14.56 -7.76 8.05
CA ARG A 299 -13.40 -8.00 8.89
C ARG A 299 -12.41 -6.87 8.71
N VAL A 300 -11.69 -6.53 9.77
CA VAL A 300 -10.68 -5.48 9.70
C VAL A 300 -9.42 -6.00 10.38
N PHE A 301 -8.32 -6.05 9.63
CA PHE A 301 -7.04 -6.49 10.16
C PHE A 301 -6.05 -5.35 10.10
N ASN A 302 -5.28 -5.15 11.17
CA ASN A 302 -4.24 -4.12 11.15
C ASN A 302 -3.04 -4.89 10.60
N GLN A 303 -2.69 -4.57 9.37
CA GLN A 303 -1.63 -5.26 8.66
C GLN A 303 -0.23 -4.65 8.68
N PHE A 304 0.53 -5.00 9.72
CA PHE A 304 1.91 -4.55 9.88
C PHE A 304 2.54 -5.49 10.89
N THR A 305 3.87 -5.50 10.98
CA THR A 305 4.54 -6.40 11.90
C THR A 305 5.27 -5.73 13.06
N GLU A 306 5.71 -4.49 12.85
CA GLU A 306 6.43 -3.75 13.90
C GLU A 306 6.21 -2.25 13.78
N GLN A 307 6.30 -1.55 14.91
CA GLN A 307 6.16 -0.10 14.94
C GLN A 307 7.54 0.52 15.03
N PHE A 308 7.75 1.61 14.29
CA PHE A 308 9.02 2.34 14.30
C PHE A 308 8.75 3.83 14.16
N SER A 309 9.56 4.64 14.84
CA SER A 309 9.41 6.08 14.71
C SER A 309 10.39 6.43 13.60
N VAL A 310 10.23 7.60 12.98
CA VAL A 310 11.13 8.00 11.91
C VAL A 310 12.58 8.03 12.41
N ASN A 311 12.78 8.56 13.62
CA ASN A 311 14.11 8.63 14.19
C ASN A 311 14.71 7.24 14.36
N GLU A 312 13.87 6.28 14.76
CA GLU A 312 14.33 4.91 14.94
C GLU A 312 14.81 4.33 13.61
N LEU A 313 14.09 4.63 12.54
CA LEU A 313 14.47 4.13 11.22
C LEU A 313 15.79 4.76 10.80
N ALA A 314 15.94 6.06 11.06
CA ALA A 314 17.15 6.77 10.72
C ALA A 314 18.36 6.11 11.38
N SER A 315 18.21 5.74 12.65
CA SER A 315 19.29 5.09 13.39
C SER A 315 19.62 3.72 12.81
N LEU A 316 18.60 2.93 12.51
CA LEU A 316 18.80 1.61 11.94
C LEU A 316 19.52 1.66 10.60
N VAL A 317 19.12 2.60 9.75
CA VAL A 317 19.74 2.74 8.44
C VAL A 317 21.17 3.25 8.56
N THR A 318 21.41 4.13 9.53
CA THR A 318 22.74 4.67 9.75
C THR A 318 23.68 3.54 10.18
N LYS A 319 23.22 2.73 11.13
CA LYS A 319 24.01 1.61 11.63
C LYS A 319 24.26 0.59 10.52
N ALA A 320 23.23 0.30 9.74
CA ALA A 320 23.35 -0.64 8.65
C ALA A 320 24.29 -0.09 7.57
N GLY A 321 24.18 1.21 7.32
CA GLY A 321 25.01 1.85 6.32
C GLY A 321 26.48 1.88 6.72
N SER A 322 26.72 1.95 8.02
CA SER A 322 28.09 1.98 8.55
C SER A 322 28.83 0.70 8.19
N LYS A 323 28.11 -0.43 8.25
CA LYS A 323 28.71 -1.73 7.93
C LYS A 323 29.08 -1.82 6.46
N LEU A 324 28.59 -0.86 5.67
CA LEU A 324 28.88 -0.82 4.24
C LEU A 324 29.71 0.43 3.91
N GLY A 325 30.18 1.10 4.97
CA GLY A 325 31.00 2.29 4.79
C GLY A 325 30.30 3.42 4.04
N LEU A 326 29.04 3.65 4.36
CA LEU A 326 28.28 4.72 3.72
C LEU A 326 28.30 6.04 4.47
N ASP A 327 28.81 6.02 5.71
CA ASP A 327 28.88 7.23 6.53
C ASP A 327 27.59 8.03 6.45
N VAL A 328 26.49 7.36 6.77
CA VAL A 328 25.17 7.97 6.72
C VAL A 328 25.01 9.17 7.65
N LYS A 329 24.43 10.25 7.12
CA LYS A 329 24.19 11.47 7.88
C LYS A 329 22.67 11.71 7.96
N LYS A 330 22.25 12.55 8.89
CA LYS A 330 20.84 12.86 9.06
C LYS A 330 20.60 14.37 8.97
N MET A 331 19.42 14.75 8.51
CA MET A 331 19.07 16.16 8.41
C MET A 331 17.62 16.36 8.81
N THR A 332 17.32 17.52 9.39
CA THR A 332 15.96 17.82 9.80
C THR A 332 15.32 18.71 8.74
N VAL A 333 14.30 18.19 8.07
CA VAL A 333 13.60 18.92 7.03
C VAL A 333 12.33 19.55 7.57
N PRO A 334 12.11 20.85 7.33
CA PRO A 334 10.88 21.47 7.83
C PRO A 334 9.76 20.59 7.30
N ASN A 335 8.95 20.04 8.20
CA ASN A 335 7.87 19.13 7.80
C ASN A 335 6.86 19.70 6.81
N PRO A 336 6.76 19.12 5.61
CA PRO A 336 5.80 19.62 4.62
C PRO A 336 4.37 19.24 5.03
N ARG A 337 4.27 18.25 5.92
CA ARG A 337 2.97 17.76 6.37
C ARG A 337 2.48 18.34 7.69
N VAL A 338 1.18 18.23 7.91
CA VAL A 338 0.56 18.66 9.15
C VAL A 338 0.25 17.34 9.85
N GLU A 339 0.98 17.04 10.92
CA GLU A 339 0.80 15.79 11.64
C GLU A 339 1.51 15.91 12.98
N ALA A 340 1.19 15.02 13.91
CA ALA A 340 1.83 15.02 15.22
C ALA A 340 3.25 14.48 15.05
N GLU A 341 4.24 15.20 15.57
CA GLU A 341 5.63 14.77 15.45
C GLU A 341 6.13 14.07 16.71
N GLU A 342 5.26 14.01 17.71
CA GLU A 342 5.52 13.35 18.97
C GLU A 342 4.13 12.90 19.39
N HIS A 343 3.93 11.60 19.54
CA HIS A 343 2.61 11.11 19.89
C HIS A 343 2.61 9.68 20.41
N TYR A 344 1.55 9.34 21.12
CA TYR A 344 1.37 7.99 21.66
C TYR A 344 1.03 7.11 20.47
N TYR A 345 1.48 5.86 20.50
CA TYR A 345 1.15 4.93 19.42
C TYR A 345 1.29 3.50 19.87
N ASN A 346 0.16 2.82 19.98
CA ASN A 346 0.13 1.42 20.37
C ASN A 346 -1.03 0.79 19.62
N ALA A 347 -0.75 0.36 18.39
CA ALA A 347 -1.75 -0.25 17.54
C ALA A 347 -1.74 -1.76 17.66
N LYS A 348 -2.92 -2.33 17.90
CA LYS A 348 -3.07 -3.78 18.03
C LYS A 348 -2.97 -4.48 16.68
N HIS A 349 -2.34 -5.65 16.68
CA HIS A 349 -2.20 -6.44 15.46
C HIS A 349 -1.96 -7.91 15.81
N THR A 350 -3.05 -8.65 15.91
CA THR A 350 -2.98 -10.07 16.24
C THR A 350 -3.85 -10.96 15.37
N LYS A 351 -4.83 -10.37 14.70
CA LYS A 351 -5.73 -11.16 13.85
C LYS A 351 -4.99 -11.95 12.78
N LEU A 352 -4.05 -11.32 12.09
CA LEU A 352 -3.28 -12.02 11.05
C LEU A 352 -2.36 -13.07 11.67
N MET A 353 -1.77 -12.75 12.82
CA MET A 353 -0.89 -13.70 13.51
C MET A 353 -1.69 -14.93 13.93
N GLU A 354 -2.92 -14.71 14.36
CA GLU A 354 -3.78 -15.81 14.80
C GLU A 354 -4.17 -16.70 13.62
N LEU A 355 -4.08 -16.16 12.40
CA LEU A 355 -4.40 -16.91 11.20
C LEU A 355 -3.17 -17.56 10.60
N GLY A 356 -2.05 -17.50 11.31
CA GLY A 356 -0.83 -18.14 10.83
C GLY A 356 0.27 -17.30 10.23
N LEU A 357 0.21 -15.98 10.36
CA LEU A 357 1.25 -15.14 9.80
C LEU A 357 2.61 -15.44 10.41
N GLU A 358 3.60 -15.66 9.55
CA GLU A 358 4.98 -15.94 9.95
C GLU A 358 5.75 -14.74 9.40
N PRO A 359 5.84 -13.66 10.18
CA PRO A 359 6.51 -12.41 9.83
C PRO A 359 8.02 -12.40 9.61
N HIS A 360 8.45 -11.49 8.74
CA HIS A 360 9.85 -11.27 8.44
C HIS A 360 10.17 -9.95 9.12
N TYR A 361 10.52 -10.00 10.40
CA TYR A 361 10.82 -8.77 11.14
C TYR A 361 12.04 -8.10 10.54
N LEU A 362 12.08 -6.77 10.61
CA LEU A 362 13.20 -6.01 10.07
C LEU A 362 14.48 -6.52 10.67
N SER A 363 15.45 -6.84 9.82
CA SER A 363 16.73 -7.38 10.28
C SER A 363 17.93 -6.71 9.63
N ASP A 364 19.13 -7.05 10.13
CA ASP A 364 20.35 -6.49 9.57
C ASP A 364 20.48 -7.00 8.14
N SER A 365 20.09 -8.25 7.93
CA SER A 365 20.16 -8.87 6.63
C SER A 365 19.29 -8.15 5.60
N LEU A 366 18.09 -7.76 6.00
CA LEU A 366 17.18 -7.06 5.10
C LEU A 366 17.78 -5.70 4.73
N LEU A 367 18.20 -4.94 5.74
CA LEU A 367 18.78 -3.63 5.49
C LEU A 367 20.04 -3.74 4.65
N ASP A 368 20.86 -4.75 4.93
CA ASP A 368 22.10 -4.93 4.17
C ASP A 368 21.76 -5.18 2.71
N SER A 369 20.79 -6.06 2.48
CA SER A 369 20.35 -6.41 1.13
C SER A 369 19.75 -5.22 0.40
N LEU A 370 18.85 -4.50 1.07
CA LEU A 370 18.20 -3.35 0.46
C LEU A 370 19.20 -2.23 0.18
N LEU A 371 20.11 -2.00 1.11
CA LEU A 371 21.12 -0.95 0.93
C LEU A 371 22.04 -1.28 -0.24
N ASN A 372 22.49 -2.53 -0.33
CA ASN A 372 23.35 -2.95 -1.42
C ASN A 372 22.63 -2.84 -2.74
N PHE A 373 21.32 -3.05 -2.72
CA PHE A 373 20.51 -2.95 -3.91
C PHE A 373 20.50 -1.50 -4.40
N ALA A 374 20.30 -0.58 -3.46
CA ALA A 374 20.28 0.84 -3.77
C ALA A 374 21.64 1.28 -4.31
N VAL A 375 22.71 0.77 -3.69
CA VAL A 375 24.07 1.11 -4.13
C VAL A 375 24.27 0.61 -5.56
N GLN A 376 23.78 -0.60 -5.83
CA GLN A 376 23.89 -1.22 -7.14
C GLN A 376 23.33 -0.34 -8.26
N PHE A 377 22.17 0.28 -8.00
CA PHE A 377 21.55 1.15 -8.99
C PHE A 377 21.65 2.63 -8.63
N LYS A 378 22.62 2.98 -7.79
CA LYS A 378 22.80 4.36 -7.36
C LYS A 378 22.90 5.35 -8.52
N ASP A 379 23.43 4.90 -9.64
CA ASP A 379 23.60 5.75 -10.82
C ASP A 379 22.28 6.21 -11.41
N ARG A 380 21.21 5.45 -11.17
CA ARG A 380 19.89 5.78 -11.70
C ARG A 380 19.08 6.73 -10.81
N VAL A 381 19.62 7.05 -9.64
CA VAL A 381 18.92 7.93 -8.72
C VAL A 381 18.95 9.41 -9.11
N ASP A 382 17.76 9.97 -9.24
CA ASP A 382 17.60 11.39 -9.57
C ASP A 382 17.50 12.09 -8.21
N THR A 383 18.62 12.64 -7.75
CA THR A 383 18.65 13.30 -6.44
C THR A 383 17.74 14.52 -6.34
N LYS A 384 17.32 15.06 -7.49
CA LYS A 384 16.43 16.23 -7.48
C LYS A 384 15.06 15.88 -6.94
N GLN A 385 14.71 14.60 -6.96
CA GLN A 385 13.40 14.16 -6.46
C GLN A 385 13.40 13.69 -5.02
N ILE A 386 14.53 13.81 -4.33
CA ILE A 386 14.62 13.36 -2.95
C ILE A 386 13.91 14.26 -1.93
N MET A 387 14.14 15.56 -2.00
CA MET A 387 13.51 16.50 -1.07
C MET A 387 12.04 16.76 -1.41
N PRO A 388 11.17 16.84 -0.39
CA PRO A 388 9.75 17.08 -0.62
C PRO A 388 9.44 18.51 -1.04
N SER A 389 8.54 18.67 -2.00
CA SER A 389 8.15 19.99 -2.48
C SER A 389 6.64 20.20 -2.43
N VAL A 390 5.92 19.30 -1.78
CA VAL A 390 4.47 19.40 -1.67
C VAL A 390 4.04 19.74 -0.24
N SER A 391 3.52 20.95 -0.06
CA SER A 391 3.09 21.43 1.24
C SER A 391 1.61 21.16 1.54
N TRP A 392 1.33 20.62 2.72
CA TRP A 392 -0.05 20.33 3.12
C TRP A 392 -0.83 21.65 3.24
N LYS A 393 -0.18 22.68 3.76
CA LYS A 393 -0.79 23.98 3.97
C LYS A 393 -0.85 24.92 2.77
N LYS A 394 0.16 24.88 1.91
CA LYS A 394 0.21 25.77 0.75
C LYS A 394 -0.51 25.26 -0.50
N ILE A 395 -1.16 24.11 -0.39
CA ILE A 395 -1.88 23.52 -1.52
C ILE A 395 -2.83 24.54 -2.16
N GLY A 396 -2.80 24.62 -3.49
CA GLY A 396 -3.65 25.57 -4.18
C GLY A 396 -4.62 24.95 -5.18
N VAL A 397 -5.29 25.79 -5.96
CA VAL A 397 -6.26 25.32 -6.95
C VAL A 397 -5.67 25.19 -8.36
N LYS A 398 -4.61 25.94 -8.64
CA LYS A 398 -3.99 25.87 -9.97
C LYS A 398 -3.32 24.52 -10.16
N THR A 399 -3.56 23.88 -11.29
CA THR A 399 -2.94 22.59 -11.58
C THR A 399 -1.45 22.82 -11.73
N LYS A 400 -0.67 22.11 -10.92
CA LYS A 400 0.78 22.26 -10.94
C LYS A 400 1.50 21.35 -11.94
N SER A 401 2.63 21.86 -12.43
CA SER A 401 3.47 21.11 -13.37
C SER A 401 4.82 20.95 -12.67
N MET A 402 5.13 19.72 -12.29
CA MET A 402 6.39 19.44 -11.61
C MET A 402 7.49 19.11 -12.64
N THR A 403 8.30 20.11 -12.95
S SO4 B . 5.03 -3.39 18.07
O1 SO4 B . 4.80 -2.36 19.10
O2 SO4 B . 5.05 -4.72 18.71
O3 SO4 B . 3.93 -3.34 17.09
O4 SO4 B . 6.32 -3.15 17.39
S SO4 C . 5.09 -19.79 0.49
O1 SO4 C . 5.71 -18.48 0.26
O2 SO4 C . 5.81 -20.48 1.58
O3 SO4 C . 3.67 -19.61 0.88
O4 SO4 C . 5.16 -20.60 -0.74
PA NAD D . 0.86 1.63 -6.68
O1A NAD D . 0.56 3.04 -7.08
O2A NAD D . 2.27 1.04 -6.97
O5B NAD D . -0.16 0.61 -7.32
C5B NAD D . -1.58 0.92 -7.58
C4B NAD D . -1.96 0.39 -8.91
O4B NAD D . -3.38 0.68 -9.09
C3B NAD D . -1.21 1.04 -10.09
O3B NAD D . -0.65 0.05 -10.99
C2B NAD D . -2.30 1.91 -10.76
O2B NAD D . -2.09 2.08 -12.17
C1B NAD D . -3.56 1.06 -10.41
N9A NAD D . -4.77 1.90 -10.42
C8A NAD D . -4.99 3.07 -9.74
N7A NAD D . -6.21 3.56 -10.02
C5A NAD D . -6.74 2.65 -10.87
C6A NAD D . -8.02 2.64 -11.53
N6A NAD D . -8.97 3.64 -11.41
N1A NAD D . -8.31 1.56 -12.35
C2A NAD D . -7.44 0.51 -12.57
N3A NAD D . -6.24 0.54 -11.97
C4A NAD D . -5.85 1.58 -11.13
O3 NAD D . 0.48 1.41 -5.20
PN NAD D . 0.92 0.39 -4.02
O1N NAD D . 2.02 0.93 -3.22
O2N NAD D . 1.03 -0.92 -4.71
O5D NAD D . -0.37 0.35 -3.12
C5D NAD D . -1.52 -0.45 -3.51
C4D NAD D . -2.58 -0.38 -2.44
O4D NAD D . -1.95 -0.82 -1.23
C3D NAD D . -3.10 1.01 -2.12
O3D NAD D . -4.43 1.00 -1.61
C2D NAD D . -2.24 1.49 -0.98
O2D NAD D . -2.71 2.60 -0.20
C1D NAD D . -2.04 0.18 -0.23
N1N NAD D . -0.87 0.29 0.64
C2N NAD D . 0.44 0.55 0.14
C3N NAD D . 1.47 0.82 1.09
C7N NAD D . 2.83 1.13 0.63
O7N NAD D . 3.65 1.41 1.50
N7N NAD D . 3.05 1.13 -0.67
C4N NAD D . 1.17 0.82 2.49
C5N NAD D . -0.16 0.55 3.01
C6N NAD D . -1.20 0.31 2.06
N1 UPG E . 8.51 10.73 6.61
C2 UPG E . 9.71 11.38 6.99
N3 UPG E . 10.67 11.43 5.98
C4 UPG E . 10.56 10.92 4.68
C5 UPG E . 9.30 10.26 4.36
C6 UPG E . 8.36 10.20 5.33
O2 UPG E . 9.93 11.88 8.10
O4 UPG E . 11.47 11.04 3.87
C1C UPG E . 7.42 10.61 7.61
C2C UPG E . 6.07 11.19 7.19
O2C UPG E . 5.85 12.58 7.40
C3C UPG E . 5.15 10.30 8.01
C4C UPG E . 5.80 8.93 8.12
O4C UPG E . 7.21 9.20 7.87
O3C UPG E . 5.02 10.88 9.32
C5C UPG E . 5.33 7.91 7.06
O5C UPG E . 5.31 8.54 5.78
PA UPG E . 5.42 7.78 4.40
O1A UPG E . 5.46 8.78 3.33
O2A UPG E . 6.41 6.68 4.50
O3A UPG E . 3.97 7.10 4.36
PB UPG E . 2.45 7.59 4.29
O1B UPG E . 2.40 8.89 3.61
O2B UPG E . 1.78 7.43 5.59
O3B UPG E . 1.87 6.61 3.15
C1' UPG E . 2.23 5.30 2.87
C2' UPG E . 1.50 4.80 1.63
C3' UPG E . -0.02 4.85 1.89
C4' UPG E . -0.32 3.95 3.11
C5' UPG E . 0.49 4.47 4.30
C6' UPG E . 0.35 3.47 5.43
O2' UPG E . 1.82 5.65 0.54
O3' UPG E . -0.72 4.38 0.76
O4' UPG E . -1.72 3.99 3.39
O5' UPG E . 1.90 4.47 3.98
O6' UPG E . -0.65 3.78 6.38
N1 USQ F . 8.51 10.73 6.61
C2 USQ F . 9.71 11.38 6.99
N3 USQ F . 10.67 11.43 5.98
C4 USQ F . 10.56 10.92 4.68
C5 USQ F . 9.30 10.26 4.36
C6 USQ F . 8.36 10.20 5.33
O2 USQ F . 9.93 11.88 8.10
O4 USQ F . 11.47 11.04 3.87
C1D USQ F . 7.42 10.61 7.61
C2D USQ F . 6.07 11.19 7.19
O2D USQ F . 5.85 12.58 7.40
C3D USQ F . 5.15 10.30 8.01
C4D USQ F . 5.80 8.93 8.12
O4D USQ F . 7.21 9.20 7.87
O3D USQ F . 5.02 10.88 9.32
C5D USQ F . 5.33 7.91 7.06
O5D USQ F . 5.31 8.54 5.78
PA USQ F . 5.42 7.78 4.40
O1A USQ F . 5.46 8.78 3.33
O2A USQ F . 6.41 6.68 4.50
O3A USQ F . 3.97 7.10 4.36
PB USQ F . 2.45 7.59 4.29
O1B USQ F . 2.40 8.89 3.61
O2B USQ F . 1.78 7.43 5.59
O3B USQ F . 1.87 6.61 3.15
C1' USQ F . 2.23 5.30 2.87
C2' USQ F . 1.50 4.80 1.63
C3' USQ F . -0.02 4.85 1.89
C4' USQ F . -0.32 3.95 3.11
C5' USQ F . 0.49 4.47 4.30
C6' USQ F . 0.35 3.47 5.43
O2' USQ F . 1.82 5.65 0.54
O3' USQ F . -0.72 4.38 0.76
O4' USQ F . -1.72 3.99 3.39
O5' USQ F . 1.90 4.47 3.98
S USQ F . -0.56 4.28 6.75
O1S USQ F . -0.32 5.70 6.87
O2S USQ F . -1.94 3.97 6.37
O3S USQ F . -0.11 3.62 7.95
#